data_6SAN
#
_entry.id   6SAN
#
_cell.length_a   27.235
_cell.length_b   46.643
_cell.length_c   93.628
_cell.angle_alpha   90.000
_cell.angle_beta   97.366
_cell.angle_gamma   90.000
#
_symmetry.space_group_name_H-M   'P 1 21 1'
#
loop_
_entity.id
_entity.type
_entity.pdbx_description
1 polymer 'Deleted in malignant brain tumors 1 protein'
2 non-polymer 'MAGNESIUM ION'
3 non-polymer 'CHLORIDE ION'
4 non-polymer GLYCEROL
5 water water
#
_entity_poly.entity_id   1
_entity_poly.type   'polypeptide(L)'
_entity_poly.pdbx_seq_one_letter_code
;MKLCILLAVVAFVGLSLGGSESSLALRLVNGGDRCQGRVEVLYQGSWGTVCDDSWDTNDANVVCRQLGCGWAMSAPGNAR
FGQGSGPIVLDDVRCSGHESYLWSCPHNGWLSHNCGHSEDAGVICSAVNIDHHHHHH
;
_entity_poly.pdbx_strand_id   A,B
#
loop_
_chem_comp.id
_chem_comp.type
_chem_comp.name
_chem_comp.formula
CL non-polymer 'CHLORIDE ION' 'Cl -1'
GOL non-polymer GLYCEROL 'C3 H8 O3'
MG non-polymer 'MAGNESIUM ION' 'Mg 2'
#
# COMPACT_ATOMS: atom_id res chain seq x y z
N GLY A 19 14.18 -27.87 -10.53
CA GLY A 19 15.08 -28.88 -9.98
C GLY A 19 15.78 -28.43 -8.70
N SER A 20 16.54 -29.35 -8.08
CA SER A 20 17.10 -29.10 -6.76
C SER A 20 18.20 -28.03 -6.75
N GLU A 21 18.71 -27.61 -7.90
CA GLU A 21 19.70 -26.55 -7.90
C GLU A 21 19.09 -25.16 -7.82
N SER A 22 17.78 -25.04 -7.99
CA SER A 22 17.14 -23.74 -8.21
C SER A 22 16.47 -23.21 -6.95
N SER A 23 16.62 -21.90 -6.73
CA SER A 23 16.04 -21.20 -5.59
C SER A 23 15.57 -19.82 -6.08
N LEU A 24 14.92 -19.08 -5.18
CA LEU A 24 14.63 -17.65 -5.39
C LEU A 24 13.52 -17.41 -6.42
N ALA A 25 12.44 -18.15 -6.27
CA ALA A 25 11.17 -17.85 -6.91
C ALA A 25 10.16 -17.66 -5.78
N LEU A 26 9.08 -16.97 -6.09
CA LEU A 26 8.11 -16.53 -5.10
C LEU A 26 6.71 -16.77 -5.63
N ARG A 27 5.82 -17.25 -4.77
CA ARG A 27 4.44 -17.51 -5.17
C ARG A 27 3.55 -17.33 -3.95
N LEU A 28 2.27 -17.04 -4.20
CA LEU A 28 1.24 -17.08 -3.17
C LEU A 28 0.33 -18.27 -3.41
N VAL A 29 -0.01 -18.99 -2.35
CA VAL A 29 -0.90 -20.14 -2.47
C VAL A 29 -2.06 -20.10 -1.48
N ASN A 30 -3.14 -20.77 -1.87
CA ASN A 30 -4.31 -21.01 -1.02
C ASN A 30 -5.04 -19.74 -0.62
N GLY A 31 -5.04 -18.74 -1.49
CA GLY A 31 -5.73 -17.50 -1.21
C GLY A 31 -7.00 -17.30 -2.01
N GLY A 32 -7.26 -18.18 -2.97
CA GLY A 32 -8.41 -18.03 -3.84
C GLY A 32 -8.29 -16.95 -4.88
N ASP A 33 -7.12 -16.34 -4.99
CA ASP A 33 -6.85 -15.22 -5.88
C ASP A 33 -5.34 -15.15 -6.04
N ARG A 34 -4.90 -14.74 -7.23
CA ARG A 34 -3.47 -14.71 -7.50
C ARG A 34 -2.73 -13.82 -6.50
N CYS A 35 -3.40 -12.80 -5.96
CA CYS A 35 -2.73 -11.73 -5.24
C CYS A 35 -3.01 -11.71 -3.73
N GLN A 36 -3.38 -12.85 -3.18
CA GLN A 36 -3.32 -13.03 -1.73
C GLN A 36 -3.02 -14.50 -1.47
N GLY A 37 -2.45 -14.79 -0.31
CA GLY A 37 -2.24 -16.15 0.12
C GLY A 37 -1.01 -16.32 0.97
N ARG A 38 -0.72 -17.59 1.25
CA ARG A 38 0.49 -17.96 1.96
C ARG A 38 1.71 -17.70 1.09
N VAL A 39 2.73 -17.06 1.65
CA VAL A 39 3.95 -16.75 0.90
C VAL A 39 4.80 -18.01 0.86
N GLU A 40 5.23 -18.39 -0.34
CA GLU A 40 6.14 -19.51 -0.51
C GLU A 40 7.35 -19.12 -1.36
N VAL A 41 8.50 -19.64 -0.97
CA VAL A 41 9.80 -19.26 -1.50
C VAL A 41 10.52 -20.53 -1.94
N LEU A 42 10.96 -20.57 -3.19
CA LEU A 42 11.67 -21.76 -3.68
C LEU A 42 13.06 -21.84 -3.08
N TYR A 43 13.39 -23.01 -2.53
CA TYR A 43 14.70 -23.23 -1.94
C TYR A 43 15.19 -24.62 -2.33
N GLN A 44 16.22 -24.66 -3.17
CA GLN A 44 16.82 -25.92 -3.62
C GLN A 44 15.76 -26.90 -4.10
N GLY A 45 14.86 -26.43 -4.98
CA GLY A 45 13.87 -27.28 -5.61
C GLY A 45 12.59 -27.49 -4.84
N SER A 46 12.49 -26.99 -3.61
CA SER A 46 11.32 -27.18 -2.76
C SER A 46 10.72 -25.83 -2.41
N TRP A 47 9.38 -25.79 -2.34
CA TRP A 47 8.68 -24.56 -1.99
C TRP A 47 8.54 -24.51 -0.47
N GLY A 48 9.24 -23.55 0.14
CA GLY A 48 9.22 -23.38 1.57
C GLY A 48 8.37 -22.19 2.00
N THR A 49 8.24 -22.04 3.31
CA THR A 49 7.39 -21.01 3.91
C THR A 49 8.22 -20.01 4.69
N VAL A 50 7.54 -18.96 5.11
CA VAL A 50 8.10 -17.83 5.84
C VAL A 50 7.39 -17.71 7.19
N CYS A 51 8.15 -17.59 8.25
CA CYS A 51 7.56 -17.44 9.57
C CYS A 51 6.99 -16.04 9.77
N ASP A 52 5.92 -15.96 10.56
CA ASP A 52 5.24 -14.68 10.80
C ASP A 52 5.97 -13.78 11.80
N ASP A 53 7.05 -14.22 12.40
CA ASP A 53 7.73 -13.38 13.40
C ASP A 53 8.35 -12.17 12.69
N SER A 54 7.98 -10.97 13.12
CA SER A 54 8.42 -9.72 12.52
C SER A 54 7.86 -9.50 11.11
N TRP A 55 6.85 -10.27 10.71
CA TRP A 55 6.27 -10.14 9.39
C TRP A 55 5.21 -9.04 9.45
N ASP A 56 5.38 -8.00 8.64
CA ASP A 56 4.54 -6.82 8.72
C ASP A 56 4.25 -6.28 7.32
N THR A 57 3.50 -5.18 7.26
CA THR A 57 3.06 -4.71 5.94
CA THR A 57 3.05 -4.62 5.98
C THR A 57 4.21 -4.22 5.09
N ASN A 58 5.34 -3.79 5.67
CA ASN A 58 6.49 -3.44 4.83
C ASN A 58 6.98 -4.66 4.08
N ASP A 59 7.03 -5.80 4.76
CA ASP A 59 7.43 -7.05 4.11
C ASP A 59 6.41 -7.44 3.06
N ALA A 60 5.13 -7.36 3.40
CA ALA A 60 4.07 -7.65 2.43
C ALA A 60 4.17 -6.73 1.20
N ASN A 61 4.48 -5.46 1.40
CA ASN A 61 4.60 -4.54 0.26
C ASN A 61 5.66 -5.00 -0.73
N VAL A 62 6.78 -5.53 -0.23
CA VAL A 62 7.84 -5.98 -1.12
C VAL A 62 7.38 -7.20 -1.92
N VAL A 63 6.69 -8.14 -1.28
CA VAL A 63 6.18 -9.32 -1.98
C VAL A 63 5.16 -8.93 -3.02
N CYS A 64 4.17 -8.12 -2.62
CA CYS A 64 3.10 -7.71 -3.53
C CYS A 64 3.65 -7.04 -4.78
N ARG A 65 4.60 -6.13 -4.60
CA ARG A 65 5.16 -5.44 -5.76
C ARG A 65 6.00 -6.38 -6.61
N GLN A 66 6.79 -7.26 -5.98
CA GLN A 66 7.59 -8.23 -6.71
C GLN A 66 6.73 -9.11 -7.61
N LEU A 67 5.49 -9.40 -7.20
CA LEU A 67 4.62 -10.27 -7.96
C LEU A 67 3.71 -9.53 -8.91
N GLY A 68 3.80 -8.21 -8.95
CA GLY A 68 2.91 -7.44 -9.81
C GLY A 68 1.50 -7.39 -9.30
N CYS A 69 1.31 -7.39 -7.98
CA CYS A 69 0.01 -7.43 -7.35
C CYS A 69 -0.33 -6.12 -6.64
N GLY A 70 0.45 -5.08 -6.87
CA GLY A 70 0.17 -3.78 -6.29
C GLY A 70 0.87 -3.60 -4.97
N TRP A 71 0.21 -2.91 -4.05
CA TRP A 71 0.72 -2.63 -2.72
C TRP A 71 -0.03 -3.49 -1.70
N ALA A 72 0.51 -3.52 -0.48
CA ALA A 72 0.00 -4.41 0.55
C ALA A 72 -1.12 -3.78 1.36
N MET A 73 -2.21 -4.52 1.49
CA MET A 73 -3.28 -4.17 2.41
C MET A 73 -2.94 -4.65 3.81
N SER A 74 -2.53 -5.91 3.95
CA SER A 74 -2.14 -6.42 5.26
C SER A 74 -1.17 -7.59 5.08
N ALA A 75 -0.65 -8.04 6.22
CA ALA A 75 0.36 -9.10 6.29
C ALA A 75 -0.04 -10.14 7.33
N PRO A 76 -1.05 -10.98 7.03
CA PRO A 76 -1.57 -11.91 8.05
C PRO A 76 -0.56 -12.94 8.52
N GLY A 77 -0.52 -13.16 9.83
CA GLY A 77 0.25 -14.23 10.42
C GLY A 77 -0.61 -15.44 10.75
N ASN A 78 0.01 -16.37 11.47
CA ASN A 78 -0.72 -17.49 12.08
C ASN A 78 -1.47 -18.34 11.06
N ALA A 79 -0.84 -18.55 9.92
CA ALA A 79 -1.34 -19.47 8.91
C ALA A 79 -2.80 -19.19 8.54
N ARG A 80 -3.12 -17.92 8.30
CA ARG A 80 -4.47 -17.58 7.84
C ARG A 80 -4.83 -18.34 6.57
N PHE A 81 -3.87 -18.49 5.67
CA PHE A 81 -4.06 -19.21 4.42
C PHE A 81 -3.55 -20.64 4.49
N GLY A 82 -3.58 -21.24 5.67
CA GLY A 82 -3.21 -22.63 5.86
C GLY A 82 -1.72 -22.79 6.14
N GLN A 83 -1.40 -24.00 6.58
CA GLN A 83 -0.01 -24.38 6.82
C GLN A 83 0.58 -25.01 5.57
N GLY A 84 1.82 -24.65 5.27
CA GLY A 84 2.57 -25.32 4.24
C GLY A 84 3.18 -26.61 4.73
N SER A 85 3.71 -27.36 3.78
CA SER A 85 4.34 -28.65 4.06
C SER A 85 5.83 -28.66 3.79
N GLY A 86 6.37 -27.60 3.18
CA GLY A 86 7.77 -27.54 2.86
C GLY A 86 8.58 -27.01 4.02
N PRO A 87 9.87 -26.79 3.81
CA PRO A 87 10.72 -26.28 4.90
C PRO A 87 10.36 -24.84 5.22
N ILE A 88 10.58 -24.46 6.47
CA ILE A 88 10.52 -23.05 6.84
C ILE A 88 11.87 -22.46 6.49
N VAL A 89 11.88 -21.49 5.56
CA VAL A 89 13.12 -21.04 4.95
C VAL A 89 13.55 -19.64 5.39
N LEU A 90 12.60 -18.78 5.80
CA LEU A 90 12.92 -17.42 6.23
C LEU A 90 12.16 -17.08 7.50
N ASP A 91 12.81 -16.29 8.37
CA ASP A 91 12.27 -15.89 9.67
C ASP A 91 12.77 -14.48 9.97
N ASP A 92 11.96 -13.74 10.71
CA ASP A 92 12.29 -12.39 11.18
C ASP A 92 12.74 -11.47 10.05
N VAL A 93 11.90 -11.39 9.01
CA VAL A 93 12.17 -10.56 7.84
C VAL A 93 11.91 -9.10 8.18
N ARG A 94 12.86 -8.23 7.86
CA ARG A 94 12.84 -6.83 8.26
C ARG A 94 13.04 -5.94 7.03
N CYS A 95 12.19 -6.12 6.02
CA CYS A 95 12.19 -5.21 4.88
C CYS A 95 11.87 -3.78 5.32
N SER A 96 12.49 -2.82 4.66
CA SER A 96 12.09 -1.44 4.83
C SER A 96 10.83 -1.10 4.04
N GLY A 97 10.54 -1.82 2.97
CA GLY A 97 9.46 -1.49 2.06
C GLY A 97 9.94 -1.04 0.71
N HIS A 98 11.20 -0.67 0.58
CA HIS A 98 11.71 -0.13 -0.67
C HIS A 98 12.31 -1.19 -1.57
N GLU A 99 12.47 -2.40 -1.08
CA GLU A 99 13.25 -3.41 -1.79
C GLU A 99 12.50 -3.89 -3.03
N SER A 100 13.24 -4.16 -4.10
CA SER A 100 12.64 -4.73 -5.30
C SER A 100 12.49 -6.23 -5.21
N TYR A 101 13.17 -6.87 -4.27
CA TYR A 101 13.09 -8.32 -4.10
C TYR A 101 13.07 -8.62 -2.62
N LEU A 102 12.29 -9.62 -2.25
CA LEU A 102 12.34 -10.13 -0.87
C LEU A 102 13.75 -10.57 -0.51
N TRP A 103 14.52 -11.07 -1.48
CA TRP A 103 15.88 -11.54 -1.23
C TRP A 103 16.82 -10.44 -0.73
N SER A 104 16.48 -9.16 -0.97
CA SER A 104 17.27 -8.02 -0.53
C SER A 104 17.06 -7.69 0.93
N CYS A 105 15.97 -8.17 1.52
CA CYS A 105 15.62 -7.74 2.86
C CYS A 105 16.48 -8.43 3.92
N PRO A 106 16.77 -7.73 5.02
CA PRO A 106 17.41 -8.40 6.17
C PRO A 106 16.52 -9.52 6.73
N HIS A 107 17.17 -10.60 7.15
CA HIS A 107 16.48 -11.74 7.79
C HIS A 107 17.45 -12.51 8.68
N ASN A 108 16.99 -13.63 9.23
CA ASN A 108 17.80 -14.36 10.21
C ASN A 108 18.86 -15.28 9.59
N GLY A 109 18.90 -15.41 8.27
CA GLY A 109 19.73 -16.39 7.60
C GLY A 109 18.89 -17.54 7.11
N TRP A 110 19.23 -18.10 5.95
CA TRP A 110 18.37 -19.09 5.32
C TRP A 110 18.24 -20.32 6.21
N LEU A 111 17.00 -20.77 6.40
CA LEU A 111 16.61 -21.92 7.21
C LEU A 111 16.78 -21.71 8.71
N SER A 112 17.14 -20.49 9.15
CA SER A 112 17.38 -20.22 10.57
C SER A 112 16.11 -19.64 11.15
N HIS A 113 15.35 -20.47 11.86
CA HIS A 113 14.06 -20.07 12.38
C HIS A 113 13.85 -20.68 13.76
N ASN A 114 12.84 -20.16 14.48
CA ASN A 114 12.34 -20.73 15.74
C ASN A 114 10.83 -20.92 15.69
N CYS A 115 10.34 -21.47 14.59
CA CYS A 115 8.91 -21.50 14.32
C CYS A 115 8.40 -22.88 13.94
N GLY A 116 7.07 -22.92 13.80
CA GLY A 116 6.38 -24.04 13.19
C GLY A 116 5.43 -23.54 12.13
N HIS A 117 4.81 -24.49 11.42
CA HIS A 117 3.95 -24.13 10.28
C HIS A 117 2.67 -23.44 10.69
N SER A 118 2.26 -23.51 11.97
CA SER A 118 1.11 -22.72 12.41
C SER A 118 1.40 -21.22 12.38
N GLU A 119 2.66 -20.82 12.14
CA GLU A 119 3.05 -19.42 12.04
C GLU A 119 3.32 -18.97 10.59
N ASP A 120 2.90 -19.75 9.59
CA ASP A 120 3.24 -19.41 8.20
C ASP A 120 2.63 -18.07 7.81
N ALA A 121 3.44 -17.23 7.19
CA ALA A 121 3.08 -15.86 6.85
C ALA A 121 2.32 -15.79 5.54
N GLY A 122 1.50 -14.72 5.41
CA GLY A 122 0.73 -14.48 4.22
C GLY A 122 0.68 -12.98 3.89
N VAL A 123 0.14 -12.69 2.72
CA VAL A 123 -0.06 -11.31 2.28
C VAL A 123 -1.45 -11.17 1.66
N ILE A 124 -1.97 -9.95 1.71
CA ILE A 124 -3.18 -9.56 0.99
C ILE A 124 -2.82 -8.30 0.22
N CYS A 125 -2.80 -8.39 -1.11
CA CYS A 125 -2.41 -7.29 -1.98
C CYS A 125 -3.61 -6.59 -2.61
N SER A 126 -3.39 -5.33 -2.99
CA SER A 126 -4.44 -4.48 -3.55
C SER A 126 -5.08 -5.07 -4.80
N ALA A 127 -4.34 -5.87 -5.57
CA ALA A 127 -4.86 -6.39 -6.83
C ALA A 127 -5.87 -7.52 -6.65
N VAL A 128 -6.20 -7.91 -5.41
CA VAL A 128 -7.27 -8.88 -5.23
C VAL A 128 -8.56 -8.31 -5.82
N ASN A 129 -9.21 -9.09 -6.69
CA ASN A 129 -10.33 -8.57 -7.46
C ASN A 129 -11.38 -9.65 -7.66
N ILE A 130 -12.63 -9.21 -7.83
CA ILE A 130 -13.73 -10.11 -8.16
C ILE A 130 -14.64 -9.41 -9.18
N GLY B 19 0.36 30.42 8.14
CA GLY B 19 0.73 31.58 7.35
C GLY B 19 1.21 31.26 5.95
N SER B 20 1.51 32.32 5.18
CA SER B 20 1.73 32.19 3.75
C SER B 20 3.03 31.49 3.40
N GLU B 21 3.95 31.37 4.34
CA GLU B 21 5.21 30.68 4.07
C GLU B 21 5.09 29.16 4.21
N SER B 22 3.93 28.64 4.58
CA SER B 22 3.79 27.23 4.96
C SER B 22 3.02 26.40 3.94
N SER B 23 3.55 25.24 3.63
CA SER B 23 2.94 24.29 2.72
C SER B 23 3.15 22.88 3.24
N LEU B 24 2.51 21.92 2.57
CA LEU B 24 2.77 20.50 2.78
C LEU B 24 2.17 20.03 4.11
N ALA B 25 0.87 20.27 4.26
CA ALA B 25 0.05 19.58 5.23
C ALA B 25 -1.10 18.95 4.44
N LEU B 26 -1.70 17.93 5.02
CA LEU B 26 -2.72 17.13 4.35
C LEU B 26 -3.89 16.88 5.29
N ARG B 27 -5.12 16.97 4.76
CA ARG B 27 -6.30 16.73 5.58
C ARG B 27 -7.44 16.25 4.69
N LEU B 28 -8.42 15.58 5.30
CA LEU B 28 -9.65 15.18 4.65
C LEU B 28 -10.79 15.96 5.26
N VAL B 29 -11.72 16.45 4.43
CA VAL B 29 -12.82 17.25 4.93
C VAL B 29 -14.14 16.78 4.30
N ASN B 30 -15.22 17.05 5.02
CA ASN B 30 -16.60 16.85 4.56
C ASN B 30 -16.94 15.38 4.29
N GLY B 31 -16.29 14.48 5.00
CA GLY B 31 -16.54 13.06 4.88
C GLY B 31 -17.36 12.47 6.01
N GLY B 32 -17.58 13.23 7.08
CA GLY B 32 -18.27 12.72 8.24
C GLY B 32 -17.53 11.67 9.02
N ASP B 33 -16.22 11.53 8.77
CA ASP B 33 -15.41 10.50 9.41
C ASP B 33 -13.97 10.95 9.21
N ARG B 34 -13.10 10.57 10.15
CA ARG B 34 -11.71 11.01 10.04
C ARG B 34 -11.04 10.44 8.79
N CYS B 35 -11.51 9.31 8.30
CA CYS B 35 -10.76 8.55 7.30
C CYS B 35 -11.44 8.49 5.93
N GLN B 36 -12.30 9.45 5.62
CA GLN B 36 -12.77 9.65 4.24
C GLN B 36 -13.07 11.13 4.07
N GLY B 37 -13.02 11.60 2.82
CA GLY B 37 -13.41 12.96 2.52
C GLY B 37 -12.64 13.53 1.33
N ARG B 38 -12.88 14.82 1.10
CA ARG B 38 -12.18 15.54 0.03
C ARG B 38 -10.76 15.76 0.48
N VAL B 39 -9.79 15.51 -0.40
CA VAL B 39 -8.39 15.71 -0.07
C VAL B 39 -8.08 17.20 -0.16
N GLU B 40 -7.43 17.74 0.86
CA GLU B 40 -6.99 19.12 0.82
C GLU B 40 -5.52 19.16 1.22
N VAL B 41 -4.77 20.03 0.54
CA VAL B 41 -3.32 20.13 0.68
C VAL B 41 -2.99 21.60 0.93
N LEU B 42 -2.18 21.84 1.96
CA LEU B 42 -1.80 23.19 2.31
C LEU B 42 -0.73 23.71 1.38
N TYR B 43 -0.99 24.86 0.75
CA TYR B 43 -0.08 25.46 -0.21
C TYR B 43 -0.01 26.94 0.07
N GLN B 44 1.13 27.38 0.59
N GLN B 44 1.13 27.39 0.60
CA GLN B 44 1.37 28.81 0.83
CA GLN B 44 1.37 28.81 0.85
C GLN B 44 0.26 29.43 1.68
C GLN B 44 0.26 29.44 1.68
N GLY B 45 -0.09 28.75 2.78
CA GLY B 45 -1.08 29.26 3.71
C GLY B 45 -2.52 29.00 3.38
N SER B 46 -2.82 28.42 2.21
CA SER B 46 -4.19 28.15 1.80
C SER B 46 -4.38 26.66 1.58
N TRP B 47 -5.53 26.16 2.02
CA TRP B 47 -5.87 24.75 1.80
C TRP B 47 -6.46 24.59 0.41
N GLY B 48 -5.74 23.88 -0.45
CA GLY B 48 -6.17 23.66 -1.81
C GLY B 48 -6.68 22.24 -2.02
N THR B 49 -7.16 22.00 -3.25
CA THR B 49 -7.78 20.73 -3.60
C THR B 49 -6.96 20.07 -4.69
N VAL B 50 -7.33 18.81 -4.97
CA VAL B 50 -6.65 17.97 -5.94
C VAL B 50 -7.66 17.54 -7.00
N CYS B 51 -7.29 17.72 -8.27
CA CYS B 51 -8.20 17.34 -9.35
C CYS B 51 -8.25 15.82 -9.49
N ASP B 52 -9.40 15.33 -9.96
CA ASP B 52 -9.62 13.88 -10.07
C ASP B 52 -8.99 13.26 -11.31
N ASP B 53 -8.40 14.04 -12.20
CA ASP B 53 -7.83 13.48 -13.42
C ASP B 53 -6.64 12.60 -13.05
N SER B 54 -6.68 11.34 -13.46
CA SER B 54 -5.65 10.35 -13.12
C SER B 54 -5.63 10.02 -11.62
N TRP B 55 -6.68 10.38 -10.89
CA TRP B 55 -6.75 10.10 -9.46
C TRP B 55 -7.37 8.72 -9.26
N ASP B 56 -6.66 7.82 -8.56
CA ASP B 56 -6.99 6.41 -8.48
C ASP B 56 -6.62 5.87 -7.11
N THR B 57 -6.92 4.59 -6.89
CA THR B 57 -6.69 4.01 -5.56
CA THR B 57 -6.69 4.00 -5.57
C THR B 57 -5.22 3.95 -5.19
N ASN B 58 -4.30 3.96 -6.18
CA ASN B 58 -2.89 4.06 -5.82
C ASN B 58 -2.60 5.38 -5.14
N ASP B 59 -3.11 6.48 -5.71
CA ASP B 59 -2.97 7.79 -5.09
C ASP B 59 -3.68 7.86 -3.75
N ALA B 60 -4.92 7.38 -3.69
CA ALA B 60 -5.64 7.40 -2.43
C ALA B 60 -4.91 6.61 -1.36
N ASN B 61 -4.20 5.54 -1.73
CA ASN B 61 -3.51 4.73 -0.72
C ASN B 61 -2.36 5.51 -0.08
N VAL B 62 -1.62 6.29 -0.87
CA VAL B 62 -0.61 7.15 -0.26
C VAL B 62 -1.24 8.08 0.76
N VAL B 63 -2.40 8.66 0.43
CA VAL B 63 -3.06 9.58 1.34
C VAL B 63 -3.52 8.83 2.59
N CYS B 64 -4.17 7.69 2.41
CA CYS B 64 -4.68 6.95 3.56
C CYS B 64 -3.56 6.53 4.50
N ARG B 65 -2.48 5.99 3.95
CA ARG B 65 -1.36 5.54 4.79
C ARG B 65 -0.69 6.72 5.46
N GLN B 66 -0.53 7.84 4.73
CA GLN B 66 0.11 9.03 5.29
C GLN B 66 -0.65 9.54 6.50
N LEU B 67 -1.97 9.41 6.50
CA LEU B 67 -2.82 9.89 7.58
C LEU B 67 -3.10 8.81 8.63
N GLY B 68 -2.57 7.60 8.46
CA GLY B 68 -2.76 6.55 9.45
C GLY B 68 -4.18 6.01 9.43
N CYS B 69 -4.78 5.95 8.25
CA CYS B 69 -6.19 5.60 8.08
C CYS B 69 -6.39 4.24 7.44
N GLY B 70 -5.35 3.42 7.40
CA GLY B 70 -5.42 2.13 6.73
C GLY B 70 -5.06 2.27 5.27
N TRP B 71 -5.56 1.34 4.46
CA TRP B 71 -5.35 1.34 3.03
C TRP B 71 -6.56 1.95 2.34
N ALA B 72 -6.38 2.31 1.08
CA ALA B 72 -7.44 2.95 0.32
C ALA B 72 -8.43 1.92 -0.21
N MET B 73 -9.71 2.12 0.09
CA MET B 73 -10.75 1.30 -0.51
C MET B 73 -11.21 1.87 -1.84
N SER B 74 -11.26 3.19 -1.97
CA SER B 74 -11.64 3.81 -3.23
C SER B 74 -11.11 5.24 -3.26
N ALA B 75 -11.24 5.86 -4.45
CA ALA B 75 -10.67 7.18 -4.75
C ALA B 75 -11.72 7.98 -5.51
N PRO B 76 -12.82 8.37 -4.84
CA PRO B 76 -13.91 9.04 -5.57
C PRO B 76 -13.48 10.33 -6.21
N GLY B 77 -13.97 10.54 -7.43
CA GLY B 77 -13.85 11.80 -8.13
C GLY B 77 -15.15 12.57 -8.15
N ASN B 78 -15.14 13.63 -8.96
CA ASN B 78 -16.35 14.40 -9.24
C ASN B 78 -16.99 14.99 -7.98
N ALA B 79 -16.15 15.41 -7.05
CA ALA B 79 -16.62 16.18 -5.91
C ALA B 79 -17.67 15.43 -5.08
N ARG B 80 -17.41 14.15 -4.82
CA ARG B 80 -18.35 13.36 -4.03
C ARG B 80 -18.53 13.95 -2.65
N PHE B 81 -17.45 14.45 -2.07
CA PHE B 81 -17.44 15.09 -0.76
C PHE B 81 -17.51 16.61 -0.87
N GLY B 82 -18.13 17.13 -1.93
CA GLY B 82 -18.29 18.56 -2.11
C GLY B 82 -17.13 19.21 -2.84
N GLN B 83 -17.38 20.44 -3.28
CA GLN B 83 -16.36 21.26 -3.92
C GLN B 83 -15.65 22.11 -2.88
N GLY B 84 -14.33 22.19 -3.00
CA GLY B 84 -13.56 23.10 -2.18
C GLY B 84 -13.63 24.52 -2.71
N SER B 85 -13.21 25.47 -1.86
CA SER B 85 -13.17 26.87 -2.25
C SER B 85 -11.77 27.42 -2.42
N GLY B 86 -10.73 26.65 -2.06
CA GLY B 86 -9.37 27.09 -2.22
C GLY B 86 -8.88 26.88 -3.63
N PRO B 87 -7.59 27.12 -3.86
CA PRO B 87 -7.02 26.88 -5.20
C PRO B 87 -6.92 25.40 -5.49
N ILE B 88 -6.91 25.06 -6.78
CA ILE B 88 -6.61 23.70 -7.22
C ILE B 88 -5.09 23.62 -7.35
N VAL B 89 -4.47 22.77 -6.53
CA VAL B 89 -3.04 22.79 -6.36
C VAL B 89 -2.33 21.61 -7.03
N LEU B 90 -2.98 20.47 -7.18
CA LEU B 90 -2.37 19.29 -7.78
C LEU B 90 -3.30 18.69 -8.82
N ASP B 91 -2.71 18.10 -9.88
CA ASP B 91 -3.45 17.48 -10.97
C ASP B 91 -2.64 16.31 -11.53
N ASP B 92 -3.36 15.33 -12.07
CA ASP B 92 -2.74 14.18 -12.76
C ASP B 92 -1.69 13.50 -11.90
N VAL B 93 -2.09 13.14 -10.68
CA VAL B 93 -1.21 12.49 -9.72
C VAL B 93 -1.01 11.03 -10.10
N ARG B 94 0.24 10.58 -10.10
CA ARG B 94 0.62 9.26 -10.58
C ARG B 94 1.41 8.49 -9.52
N CYS B 95 0.85 8.39 -8.32
CA CYS B 95 1.48 7.55 -7.30
C CYS B 95 1.46 6.08 -7.70
N SER B 96 2.49 5.35 -7.26
CA SER B 96 2.48 3.89 -7.37
C SER B 96 1.69 3.23 -6.23
N GLY B 97 1.44 3.96 -5.16
CA GLY B 97 0.79 3.43 -3.98
C GLY B 97 1.73 3.10 -2.86
N HIS B 98 3.05 3.10 -3.11
CA HIS B 98 4.05 2.76 -2.11
C HIS B 98 4.73 3.98 -1.49
N GLU B 99 4.44 5.20 -1.98
CA GLU B 99 5.14 6.37 -1.48
C GLU B 99 4.74 6.68 -0.04
N SER B 100 5.68 7.29 0.71
CA SER B 100 5.43 7.68 2.09
C SER B 100 4.74 9.04 2.22
N TYR B 101 4.82 9.89 1.21
CA TYR B 101 4.14 11.17 1.21
C TYR B 101 3.50 11.41 -0.15
N LEU B 102 2.37 12.09 -0.15
CA LEU B 102 1.76 12.50 -1.41
C LEU B 102 2.71 13.38 -2.20
N TRP B 103 3.54 14.18 -1.50
CA TRP B 103 4.50 15.07 -2.14
C TRP B 103 5.56 14.33 -2.94
N SER B 104 5.77 13.05 -2.65
CA SER B 104 6.75 12.26 -3.37
C SER B 104 6.26 11.79 -4.72
N CYS B 105 4.94 11.83 -4.97
CA CYS B 105 4.42 11.23 -6.18
C CYS B 105 4.62 12.17 -7.37
N PRO B 106 4.78 11.62 -8.57
CA PRO B 106 4.77 12.47 -9.77
C PRO B 106 3.43 13.17 -9.98
N HIS B 107 3.49 14.41 -10.46
CA HIS B 107 2.28 15.18 -10.77
C HIS B 107 2.63 16.24 -11.80
N ASN B 108 1.65 17.09 -12.11
CA ASN B 108 1.80 18.03 -13.21
C ASN B 108 2.63 19.26 -12.89
N GLY B 109 3.03 19.44 -11.64
CA GLY B 109 3.60 20.68 -11.18
C GLY B 109 2.59 21.46 -10.37
N TRP B 110 3.05 22.14 -9.32
CA TRP B 110 2.11 22.81 -8.43
C TRP B 110 1.33 23.90 -9.15
N LEU B 111 0.02 23.90 -8.93
CA LEU B 111 -0.96 24.83 -9.51
C LEU B 111 -1.19 24.62 -11.01
N SER B 112 -0.57 23.61 -11.62
CA SER B 112 -0.74 23.34 -13.06
C SER B 112 -1.86 22.33 -13.23
N HIS B 113 -3.03 22.82 -13.62
CA HIS B 113 -4.20 21.96 -13.73
C HIS B 113 -5.03 22.41 -14.93
N ASN B 114 -6.00 21.56 -15.30
CA ASN B 114 -6.97 21.89 -16.34
C ASN B 114 -8.37 21.54 -15.86
N CYS B 115 -8.67 21.95 -14.64
CA CYS B 115 -9.84 21.45 -13.94
C CYS B 115 -10.63 22.59 -13.31
N GLY B 116 -11.80 22.20 -12.78
CA GLY B 116 -12.57 23.02 -11.88
C GLY B 116 -12.92 22.24 -10.64
N HIS B 117 -13.54 22.94 -9.68
CA HIS B 117 -13.82 22.31 -8.40
C HIS B 117 -14.88 21.21 -8.47
N SER B 118 -15.67 21.12 -9.55
CA SER B 118 -16.56 19.98 -9.70
C SER B 118 -15.79 18.66 -9.86
N GLU B 119 -14.47 18.73 -10.01
CA GLU B 119 -13.63 17.54 -10.17
C GLU B 119 -12.78 17.25 -8.92
N ASP B 120 -13.10 17.87 -7.76
CA ASP B 120 -12.25 17.70 -6.58
C ASP B 120 -12.21 16.23 -6.13
N ALA B 121 -11.01 15.74 -5.90
CA ALA B 121 -10.77 14.34 -5.57
C ALA B 121 -10.96 14.06 -4.09
N GLY B 122 -11.27 12.80 -3.79
CA GLY B 122 -11.46 12.33 -2.44
C GLY B 122 -10.92 10.93 -2.26
N VAL B 123 -11.05 10.43 -1.03
CA VAL B 123 -10.58 9.10 -0.65
C VAL B 123 -11.56 8.49 0.33
N ILE B 124 -11.66 7.16 0.29
CA ILE B 124 -12.32 6.37 1.32
C ILE B 124 -11.31 5.32 1.79
N CYS B 125 -10.93 5.37 3.07
CA CYS B 125 -9.87 4.52 3.60
C CYS B 125 -10.47 3.40 4.42
N SER B 126 -9.67 2.36 4.64
CA SER B 126 -10.21 1.14 5.23
C SER B 126 -10.59 1.31 6.70
N ALA B 127 -10.07 2.33 7.38
CA ALA B 127 -10.40 2.51 8.78
C ALA B 127 -11.69 3.28 8.99
N VAL B 128 -12.45 3.57 7.92
CA VAL B 128 -13.67 4.34 8.08
C VAL B 128 -14.64 3.61 9.01
N ASN B 129 -15.35 4.38 9.83
CA ASN B 129 -16.35 3.84 10.74
C ASN B 129 -15.70 3.04 11.87
N ILE B 130 -15.03 1.94 11.52
CA ILE B 130 -14.47 1.01 12.51
C ILE B 130 -15.35 0.91 13.75
MG MG C . 9.24 -7.25 9.12
MG MG D . 4.95 -15.88 15.37
MG MG E . 11.47 -16.09 14.86
CL CL F . 4.56 -18.63 4.51
C1 GOL G . 10.24 -27.14 8.58
O1 GOL G . 11.50 -26.69 8.21
C2 GOL G . 10.05 -26.76 10.06
O2 GOL G . 8.81 -27.18 10.56
C3 GOL G . 11.24 -27.43 10.80
O3 GOL G . 12.41 -26.77 10.37
H11 GOL G . 10.13 -28.10 8.48
H12 GOL G . 9.52 -26.74 8.06
H2 GOL G . 10.06 -25.80 10.17
HO2 GOL G . 8.77 -26.95 11.37
H31 GOL G . 11.24 -28.38 10.59
H32 GOL G . 11.10 -27.37 11.75
HO3 GOL G . 12.73 -27.24 9.72
MG MG H . -3.02 8.40 -10.36
MG MG I . -11.75 14.83 -14.20
MG MG J . -5.88 17.33 -15.56
CL CL K . -2.28 2.86 8.14
C1 GOL L . 6.68 15.11 -12.30
O1 GOL L . 6.43 15.31 -10.95
C2 GOL L . 7.95 14.26 -12.43
O2 GOL L . 8.97 14.71 -11.60
C3 GOL L . 8.36 14.30 -13.93
O3 GOL L . 8.40 12.97 -14.37
H11 GOL L . 6.80 15.94 -12.78
H12 GOL L . 5.95 14.66 -12.75
H2 GOL L . 7.76 13.35 -12.15
HO2 GOL L . 8.85 15.55 -11.47
H31 GOL L . 9.21 14.77 -14.01
H32 GOL L . 7.72 14.85 -14.40
HO3 GOL L . 8.63 12.99 -15.19
#